data_7QH5
#
_entry.id   7QH5
#
_cell.length_a   92.639
_cell.length_b   151.836
_cell.length_c   128.180
_cell.angle_alpha   90.000
_cell.angle_beta   90.000
_cell.angle_gamma   90.000
#
_symmetry.space_group_name_H-M   'C 2 2 21'
#
loop_
_entity.id
_entity.type
_entity.pdbx_description
1 polymer 'RNA polymerase sigma factor'
2 non-polymer GLYCEROL
3 water water
#
_entity_poly.entity_id   1
_entity_poly.type   'polypeptide(L)'
_entity_poly.pdbx_seq_one_letter_code
;MSDQGGGDSTQTAAPVTAPGGAPEPASRPGRSGLGEPSAETIRTGGEEVFAALAERYRHELRVHLYRMLGSFTDAEDLVQ
ETLLKAWRRRETFEGRAGFRAWLYRIATNTALDFLGGPARNREVALAVDSAGSPVSSALAEVSWLQPYPDRLLDLAAPGT
GEPHTAAIARETVELAFLAVIQHLPPRQRAVLILRDIAGWSAQETADALDMTVASVKSALQRARTTLRGRLPERRSEWGA
ATEPSAAERSLLRRYMAASRDADLSALALLLREDARQAMPPHRLVFDGRDAILDLWRPVLEGDTAWGEWRSVPYAVNRQP
AAVSYVRRAGETLFTAVNVDVLTVVDGLIAEITTFDPGLLPGIAPTLAE
;
_entity_poly.pdbx_strand_id   A,B
#
loop_
_chem_comp.id
_chem_comp.type
_chem_comp.name
_chem_comp.formula
GOL non-polymer GLYCEROL 'C3 H8 O3'
#
# COMPACT_ATOMS: atom_id res chain seq x y z
N ALA A 39 -33.64 11.32 5.65
CA ALA A 39 -35.06 11.06 5.83
C ALA A 39 -35.47 11.15 7.29
N GLU A 40 -36.58 11.85 7.55
CA GLU A 40 -37.05 12.08 8.92
C GLU A 40 -38.31 11.31 9.25
N THR A 41 -39.35 11.39 8.42
CA THR A 41 -40.57 10.63 8.68
C THR A 41 -41.13 9.96 7.43
N ILE A 42 -40.47 10.09 6.29
CA ILE A 42 -40.92 9.53 5.02
C ILE A 42 -41.00 8.01 5.16
N ARG A 43 -40.40 7.48 6.21
CA ARG A 43 -40.20 6.02 6.28
C ARG A 43 -41.48 5.26 6.58
N THR A 44 -42.44 5.83 7.29
CA THR A 44 -43.66 5.05 7.44
C THR A 44 -44.70 5.38 6.37
N GLY A 45 -44.77 6.66 5.96
CA GLY A 45 -45.68 7.02 4.88
C GLY A 45 -45.20 6.49 3.54
N GLY A 46 -43.97 6.83 3.15
CA GLY A 46 -43.33 6.17 2.03
C GLY A 46 -42.70 4.86 2.48
N GLU A 47 -42.75 3.86 1.61
CA GLU A 47 -42.44 2.52 2.08
C GLU A 47 -41.38 1.78 1.27
N GLU A 48 -41.61 1.54 -0.02
CA GLU A 48 -40.66 0.70 -0.76
C GLU A 48 -39.29 1.37 -0.88
N VAL A 49 -39.22 2.69 -0.81
CA VAL A 49 -37.92 3.33 -0.59
C VAL A 49 -37.63 3.19 0.90
N PHE A 50 -37.26 1.97 1.31
CA PHE A 50 -36.74 1.69 2.63
C PHE A 50 -35.47 0.88 2.43
N ALA A 51 -35.62 -0.30 1.81
CA ALA A 51 -34.45 -1.09 1.44
C ALA A 51 -33.53 -0.29 0.52
N ALA A 52 -34.05 0.72 -0.17
CA ALA A 52 -33.18 1.64 -0.88
C ALA A 52 -32.43 2.55 0.09
N LEU A 53 -33.13 3.06 1.10
CA LEU A 53 -32.47 3.88 2.13
C LEU A 53 -31.59 3.04 3.04
N ALA A 54 -32.03 1.82 3.38
CA ALA A 54 -31.23 0.91 4.20
C ALA A 54 -30.04 0.34 3.45
N GLU A 55 -30.07 0.33 2.12
CA GLU A 55 -28.91 -0.07 1.35
C GLU A 55 -27.71 0.85 1.62
N ARG A 56 -27.97 2.10 2.01
CA ARG A 56 -26.86 3.00 2.25
C ARG A 56 -26.01 2.53 3.44
N TYR A 57 -26.64 1.96 4.46
CA TYR A 57 -25.95 1.58 5.68
C TYR A 57 -25.62 0.10 5.77
N ARG A 58 -26.03 -0.69 4.77
CA ARG A 58 -25.86 -2.13 4.82
C ARG A 58 -24.41 -2.53 5.11
N HIS A 59 -23.47 -1.91 4.41
CA HIS A 59 -22.07 -2.35 4.52
C HIS A 59 -21.46 -1.99 5.86
N GLU A 60 -21.69 -0.76 6.38
CA GLU A 60 -21.23 -0.46 7.73
C GLU A 60 -21.85 -1.40 8.75
N LEU A 61 -23.16 -1.66 8.62
CA LEU A 61 -23.82 -2.54 9.56
C LEU A 61 -23.17 -3.91 9.58
N ARG A 62 -22.78 -4.43 8.41
CA ARG A 62 -22.19 -5.76 8.36
C ARG A 62 -20.84 -5.80 9.07
N VAL A 63 -20.01 -4.77 8.87
CA VAL A 63 -18.72 -4.72 9.55
C VAL A 63 -18.92 -4.61 11.05
N HIS A 64 -19.88 -3.80 11.48
CA HIS A 64 -20.22 -3.72 12.89
C HIS A 64 -20.61 -5.09 13.44
N LEU A 65 -21.48 -5.80 12.72
CA LEU A 65 -21.88 -7.13 13.18
C LEU A 65 -20.69 -8.07 13.20
N TYR A 66 -19.74 -7.86 12.26
CA TYR A 66 -18.60 -8.76 12.16
C TYR A 66 -17.61 -8.56 13.31
N ARG A 67 -17.49 -7.32 13.79
CA ARG A 67 -16.69 -7.09 15.01
C ARG A 67 -17.29 -7.86 16.19
N MET A 68 -18.61 -7.80 16.34
CA MET A 68 -19.27 -8.54 17.43
C MET A 68 -19.12 -10.04 17.28
N LEU A 69 -19.13 -10.53 16.04
CA LEU A 69 -19.30 -11.96 15.80
C LEU A 69 -18.00 -12.66 15.43
N GLY A 70 -17.07 -11.97 14.76
CA GLY A 70 -15.88 -12.61 14.27
C GLY A 70 -16.06 -13.41 13.00
N SER A 71 -17.27 -13.47 12.47
CA SER A 71 -17.57 -14.32 11.31
C SER A 71 -18.25 -13.47 10.26
N PHE A 72 -17.71 -13.50 9.05
CA PHE A 72 -18.34 -12.80 7.92
C PHE A 72 -19.70 -13.40 7.58
N THR A 73 -19.79 -14.72 7.49
CA THR A 73 -21.09 -15.30 7.10
C THR A 73 -22.15 -15.06 8.16
N ASP A 74 -21.79 -15.18 9.44
CA ASP A 74 -22.77 -14.87 10.49
C ASP A 74 -23.17 -13.38 10.45
N ALA A 75 -22.21 -12.49 10.18
CA ALA A 75 -22.56 -11.08 10.05
C ALA A 75 -23.48 -10.84 8.86
N GLU A 76 -23.19 -11.44 7.70
CA GLU A 76 -24.11 -11.31 6.56
C GLU A 76 -25.51 -11.84 6.90
N ASP A 77 -25.59 -13.02 7.52
CA ASP A 77 -26.89 -13.52 7.98
C ASP A 77 -27.58 -12.51 8.88
N LEU A 78 -26.82 -11.85 9.76
CA LEU A 78 -27.48 -11.00 10.72
C LEU A 78 -27.79 -9.60 10.20
N VAL A 79 -27.14 -9.13 9.11
CA VAL A 79 -27.59 -7.86 8.52
C VAL A 79 -28.90 -8.05 7.79
N GLN A 80 -29.04 -9.17 7.07
CA GLN A 80 -30.30 -9.44 6.37
C GLN A 80 -31.44 -9.52 7.36
N GLU A 81 -31.19 -10.14 8.51
CA GLU A 81 -32.20 -10.20 9.56
C GLU A 81 -32.48 -8.82 10.13
N THR A 82 -31.43 -8.01 10.34
CA THR A 82 -31.60 -6.64 10.81
C THR A 82 -32.48 -5.84 9.85
N LEU A 83 -32.20 -5.94 8.55
CA LEU A 83 -32.98 -5.17 7.57
C LEU A 83 -34.41 -5.66 7.49
N LEU A 84 -34.61 -6.97 7.61
CA LEU A 84 -35.96 -7.51 7.68
C LEU A 84 -36.70 -6.96 8.90
N LYS A 85 -36.08 -7.07 10.08
CA LYS A 85 -36.69 -6.51 11.29
C LYS A 85 -37.01 -5.04 11.11
N ALA A 86 -36.07 -4.27 10.53
CA ALA A 86 -36.26 -2.84 10.40
C ALA A 86 -37.44 -2.51 9.48
N TRP A 87 -37.65 -3.33 8.44
CA TRP A 87 -38.85 -3.17 7.63
C TRP A 87 -40.10 -3.48 8.44
N ARG A 88 -40.09 -4.61 9.16
CA ARG A 88 -41.24 -5.00 9.97
C ARG A 88 -41.48 -3.95 11.06
N ARG A 89 -40.57 -3.87 12.03
CA ARG A 89 -40.66 -2.86 13.07
C ARG A 89 -40.45 -1.46 12.49
N ARG A 90 -41.34 -1.03 11.58
CA ARG A 90 -41.13 0.26 10.93
C ARG A 90 -41.73 1.42 11.71
N GLU A 91 -42.71 1.17 12.58
CA GLU A 91 -43.30 2.22 13.39
C GLU A 91 -42.50 2.52 14.66
N THR A 92 -41.47 1.73 14.94
CA THR A 92 -40.65 2.01 16.12
C THR A 92 -39.79 3.25 15.92
N PHE A 93 -39.46 3.60 14.67
CA PHE A 93 -38.58 4.74 14.45
C PHE A 93 -39.33 6.02 14.74
N GLU A 94 -38.94 6.70 15.83
CA GLU A 94 -39.54 7.97 16.20
C GLU A 94 -38.72 9.17 15.73
N GLY A 95 -37.42 9.03 15.57
CA GLY A 95 -36.59 10.08 15.05
C GLY A 95 -35.54 10.66 15.99
N ARG A 96 -35.14 9.91 17.02
CA ARG A 96 -34.22 10.45 18.01
C ARG A 96 -32.84 10.67 17.41
N ALA A 97 -32.16 9.58 17.05
CA ALA A 97 -30.78 9.65 16.60
C ALA A 97 -30.60 9.31 15.13
N GLY A 98 -31.67 9.10 14.39
CA GLY A 98 -31.59 8.88 12.95
C GLY A 98 -31.77 7.42 12.57
N PHE A 99 -31.85 7.20 11.26
CA PHE A 99 -32.02 5.85 10.72
C PHE A 99 -30.83 4.97 11.08
N ARG A 100 -29.62 5.47 10.87
CA ARG A 100 -28.45 4.62 11.04
C ARG A 100 -28.28 4.18 12.50
N ALA A 101 -28.57 5.06 13.45
CA ALA A 101 -28.48 4.66 14.86
C ALA A 101 -29.55 3.65 15.20
N TRP A 102 -30.74 3.82 14.62
CA TRP A 102 -31.81 2.87 14.82
C TRP A 102 -31.44 1.50 14.25
N LEU A 103 -30.87 1.49 13.03
CA LEU A 103 -30.41 0.24 12.43
C LEU A 103 -29.27 -0.37 13.23
N TYR A 104 -28.36 0.48 13.73
CA TYR A 104 -27.29 0.00 14.59
C TYR A 104 -27.82 -0.59 15.88
N ARG A 105 -28.88 0.02 16.44
CA ARG A 105 -29.48 -0.54 17.64
C ARG A 105 -30.07 -1.92 17.33
N ILE A 106 -30.87 -2.02 16.26
CA ILE A 106 -31.47 -3.30 15.88
C ILE A 106 -30.39 -4.36 15.65
N ALA A 107 -29.38 -4.00 14.87
CA ALA A 107 -28.30 -4.96 14.57
C ALA A 107 -27.63 -5.46 15.83
N THR A 108 -27.28 -4.54 16.73
CA THR A 108 -26.55 -4.93 17.93
C THR A 108 -27.35 -5.88 18.79
N ASN A 109 -28.63 -5.57 19.00
CA ASN A 109 -29.47 -6.44 19.82
C ASN A 109 -29.73 -7.77 19.12
N THR A 110 -29.79 -7.77 17.79
CA THR A 110 -29.89 -9.03 17.07
C THR A 110 -28.64 -9.87 17.26
N ALA A 111 -27.47 -9.21 17.27
CA ALA A 111 -26.24 -9.94 17.57
C ALA A 111 -26.29 -10.53 18.97
N LEU A 112 -26.77 -9.75 19.95
CA LEU A 112 -26.81 -10.24 21.33
C LEU A 112 -27.81 -11.38 21.49
N ASP A 113 -28.91 -11.36 20.76
CA ASP A 113 -29.86 -12.46 20.77
C ASP A 113 -29.20 -13.74 20.28
N PHE A 114 -28.60 -13.68 19.09
CA PHE A 114 -27.82 -14.79 18.56
C PHE A 114 -26.82 -15.30 19.58
N LEU A 115 -26.06 -14.37 20.19
CA LEU A 115 -24.98 -14.72 21.10
C LEU A 115 -25.46 -15.22 22.46
N GLY A 116 -26.69 -14.89 22.85
CA GLY A 116 -27.29 -15.48 24.04
C GLY A 116 -28.00 -16.81 23.78
N GLY A 117 -28.31 -17.11 22.52
CA GLY A 117 -29.00 -18.34 22.19
C GLY A 117 -28.09 -19.39 21.56
N PRO A 118 -28.23 -19.57 20.25
CA PRO A 118 -27.36 -20.54 19.53
C PRO A 118 -25.88 -20.39 19.82
N ALA A 119 -25.37 -19.16 19.87
CA ALA A 119 -23.94 -18.91 19.94
C ALA A 119 -23.46 -18.70 21.38
N ARG A 120 -24.30 -19.03 22.37
CA ARG A 120 -24.00 -18.79 23.77
C ARG A 120 -22.64 -19.34 24.19
N ASN A 121 -22.23 -20.47 23.62
CA ASN A 121 -20.95 -21.09 23.96
C ASN A 121 -19.75 -20.38 23.32
N ARG A 122 -19.96 -19.37 22.47
CA ARG A 122 -18.85 -18.75 21.74
C ARG A 122 -18.21 -17.61 22.56
N GLU A 123 -17.68 -17.99 23.72
CA GLU A 123 -16.95 -17.06 24.57
C GLU A 123 -15.64 -17.73 24.97
N VAL A 124 -14.51 -17.16 24.53
CA VAL A 124 -13.21 -17.71 24.86
C VAL A 124 -12.79 -17.21 26.24
N ALA A 125 -12.24 -18.12 27.04
CA ALA A 125 -11.96 -17.85 28.46
C ALA A 125 -10.62 -17.15 28.67
N SER A 137 -3.32 -18.22 22.95
CA SER A 137 -3.79 -17.54 21.75
C SER A 137 -5.31 -17.58 21.65
N ALA A 138 -5.94 -16.41 21.74
CA ALA A 138 -7.35 -16.31 21.38
C ALA A 138 -7.56 -16.62 19.91
N LEU A 139 -6.61 -16.22 19.04
CA LEU A 139 -6.75 -16.51 17.61
C LEU A 139 -6.94 -18.01 17.40
N ALA A 140 -6.10 -18.81 18.05
CA ALA A 140 -6.15 -20.25 17.81
C ALA A 140 -7.41 -20.90 18.34
N GLU A 141 -8.24 -20.17 19.10
CA GLU A 141 -9.44 -20.74 19.68
C GLU A 141 -10.74 -20.19 19.09
N VAL A 142 -10.68 -19.17 18.24
CA VAL A 142 -11.91 -18.59 17.64
C VAL A 142 -12.10 -19.32 16.30
N SER A 143 -12.66 -20.55 16.39
CA SER A 143 -12.84 -21.42 15.24
C SER A 143 -13.87 -20.91 14.24
N TRP A 144 -14.76 -20.00 14.64
CA TRP A 144 -15.71 -19.37 13.71
C TRP A 144 -15.14 -18.06 13.10
N LEU A 145 -13.88 -17.75 13.35
CA LEU A 145 -13.27 -16.53 12.80
C LEU A 145 -13.11 -16.65 11.29
N GLN A 146 -13.53 -15.62 10.56
CA GLN A 146 -13.25 -15.50 9.15
C GLN A 146 -12.66 -14.13 8.89
N PRO A 147 -11.86 -13.98 7.83
CA PRO A 147 -11.38 -12.65 7.44
C PRO A 147 -12.44 -11.88 6.68
N TYR A 148 -12.16 -10.60 6.49
CA TYR A 148 -13.05 -9.67 5.79
C TYR A 148 -12.25 -8.97 4.68
N PRO A 149 -12.57 -9.21 3.41
CA PRO A 149 -11.74 -8.69 2.31
C PRO A 149 -11.66 -7.17 2.29
N ASP A 150 -10.45 -6.66 2.05
CA ASP A 150 -10.25 -5.21 1.96
C ASP A 150 -11.20 -4.57 0.95
N ARG A 151 -11.36 -5.20 -0.21
CA ARG A 151 -12.31 -4.73 -1.22
C ARG A 151 -13.69 -4.50 -0.63
N LEU A 152 -14.14 -5.36 0.28
CA LEU A 152 -15.46 -5.17 0.87
C LEU A 152 -15.43 -4.19 2.04
N LEU A 153 -14.33 -4.18 2.81
CA LEU A 153 -14.15 -3.13 3.83
C LEU A 153 -14.27 -1.73 3.21
N ASP A 154 -13.75 -1.56 1.99
CA ASP A 154 -13.75 -0.25 1.36
C ASP A 154 -15.15 0.25 1.06
N LEU A 155 -16.12 -0.66 0.90
CA LEU A 155 -17.51 -0.27 0.70
C LEU A 155 -18.22 0.16 1.98
N ALA A 156 -17.55 0.02 3.13
CA ALA A 156 -18.24 0.07 4.42
C ALA A 156 -17.80 1.23 5.29
N ALA A 157 -17.12 2.23 4.72
CA ALA A 157 -16.66 3.35 5.53
C ALA A 157 -17.86 4.08 6.14
N PRO A 158 -17.81 4.41 7.44
CA PRO A 158 -18.88 5.04 8.21
C PRO A 158 -19.00 6.55 7.99
N ALA A 166 -12.72 8.77 5.03
CA ALA A 166 -12.43 8.11 6.30
C ALA A 166 -12.65 6.59 6.22
N ALA A 167 -11.65 5.86 5.71
CA ALA A 167 -11.74 4.44 5.50
C ALA A 167 -11.52 3.68 6.80
N ILE A 168 -11.99 2.43 6.83
CA ILE A 168 -11.80 1.60 8.01
C ILE A 168 -10.32 1.28 8.16
N ALA A 169 -9.79 1.48 9.36
CA ALA A 169 -8.38 1.30 9.65
C ALA A 169 -8.11 -0.06 10.26
N ARG A 170 -6.87 -0.52 10.07
CA ARG A 170 -6.41 -1.78 10.64
C ARG A 170 -6.72 -1.91 12.12
N GLU A 171 -6.71 -0.78 12.85
CA GLU A 171 -6.92 -0.78 14.30
C GLU A 171 -8.16 -1.56 14.69
N THR A 172 -9.22 -1.46 13.89
CA THR A 172 -10.56 -1.86 14.26
C THR A 172 -11.02 -3.17 13.62
N VAL A 173 -10.18 -3.82 12.78
CA VAL A 173 -10.60 -5.00 12.04
C VAL A 173 -9.50 -6.05 12.01
N GLU A 174 -8.35 -5.72 12.58
CA GLU A 174 -7.21 -6.63 12.62
C GLU A 174 -7.58 -7.93 13.35
N LEU A 175 -7.10 -9.07 12.82
CA LEU A 175 -7.57 -10.37 13.30
C LEU A 175 -7.28 -10.56 14.78
N ALA A 176 -6.07 -10.18 15.24
CA ALA A 176 -5.77 -10.32 16.65
C ALA A 176 -6.73 -9.50 17.49
N PHE A 177 -7.13 -8.33 17.01
CA PHE A 177 -8.08 -7.51 17.75
C PHE A 177 -9.44 -8.20 17.83
N LEU A 178 -9.93 -8.69 16.70
CA LEU A 178 -11.23 -9.36 16.68
C LEU A 178 -11.22 -10.59 17.56
N ALA A 179 -10.12 -11.34 17.57
CA ALA A 179 -10.04 -12.55 18.37
C ALA A 179 -10.11 -12.22 19.85
N VAL A 180 -9.38 -11.19 20.29
CA VAL A 180 -9.35 -10.88 21.71
C VAL A 180 -10.71 -10.38 22.19
N ILE A 181 -11.44 -9.65 21.36
CA ILE A 181 -12.75 -9.20 21.84
C ILE A 181 -13.77 -10.34 21.84
N GLN A 182 -13.46 -11.47 21.21
CA GLN A 182 -14.23 -12.67 21.50
C GLN A 182 -13.97 -13.20 22.89
N HIS A 183 -12.99 -12.64 23.64
CA HIS A 183 -12.86 -12.93 25.06
C HIS A 183 -13.92 -12.24 25.90
N LEU A 184 -14.42 -11.09 25.43
CA LEU A 184 -15.36 -10.33 26.24
C LEU A 184 -16.76 -10.97 26.17
N PRO A 185 -17.50 -10.96 27.27
CA PRO A 185 -18.90 -11.36 27.19
C PRO A 185 -19.64 -10.49 26.20
N PRO A 186 -20.70 -11.01 25.59
CA PRO A 186 -21.32 -10.30 24.45
C PRO A 186 -21.71 -8.86 24.71
N ARG A 187 -22.21 -8.54 25.90
CA ARG A 187 -22.66 -7.19 26.18
C ARG A 187 -21.47 -6.24 26.34
N GLN A 188 -20.41 -6.72 27.00
CA GLN A 188 -19.15 -5.99 27.06
C GLN A 188 -18.62 -5.70 25.66
N ARG A 189 -18.79 -6.66 24.74
CA ARG A 189 -18.38 -6.46 23.35
C ARG A 189 -19.14 -5.31 22.71
N ALA A 190 -20.46 -5.29 22.90
CA ALA A 190 -21.26 -4.22 22.31
C ALA A 190 -20.86 -2.86 22.88
N VAL A 191 -20.55 -2.80 24.18
CA VAL A 191 -20.18 -1.53 24.81
C VAL A 191 -18.86 -1.05 24.25
N LEU A 192 -17.85 -1.93 24.21
CA LEU A 192 -16.55 -1.54 23.68
C LEU A 192 -16.66 -1.12 22.22
N ILE A 193 -17.35 -1.92 21.40
CA ILE A 193 -17.42 -1.58 19.99
C ILE A 193 -18.21 -0.30 19.78
N LEU A 194 -19.34 -0.14 20.48
CA LEU A 194 -20.16 1.04 20.22
C LEU A 194 -19.47 2.32 20.71
N ARG A 195 -18.74 2.25 21.83
CA ARG A 195 -18.09 3.44 22.38
C ARG A 195 -16.77 3.76 21.69
N ASP A 196 -15.85 2.79 21.61
CA ASP A 196 -14.50 3.04 21.16
C ASP A 196 -14.30 2.92 19.65
N ILE A 197 -15.26 2.34 18.91
CA ILE A 197 -15.12 2.18 17.46
C ILE A 197 -16.18 2.98 16.70
N ALA A 198 -17.45 2.85 17.10
CA ALA A 198 -18.53 3.55 16.40
C ALA A 198 -18.72 4.98 16.89
N GLY A 199 -18.03 5.38 17.96
CA GLY A 199 -18.09 6.74 18.47
C GLY A 199 -19.33 7.10 19.23
N TRP A 200 -20.07 6.13 19.76
CA TRP A 200 -21.26 6.42 20.56
C TRP A 200 -20.88 6.93 21.94
N SER A 201 -21.67 7.86 22.45
CA SER A 201 -21.54 8.30 23.83
C SER A 201 -22.01 7.21 24.79
N ALA A 202 -21.68 7.36 26.07
CA ALA A 202 -22.16 6.42 27.07
C ALA A 202 -23.68 6.48 27.18
N GLN A 203 -24.27 7.66 27.09
CA GLN A 203 -25.72 7.76 27.10
C GLN A 203 -26.34 7.03 25.91
N GLU A 204 -25.84 7.29 24.69
CA GLU A 204 -26.34 6.58 23.51
C GLU A 204 -26.20 5.07 23.68
N THR A 205 -25.04 4.63 24.15
CA THR A 205 -24.78 3.22 24.35
C THR A 205 -25.75 2.64 25.36
N ALA A 206 -25.93 3.33 26.50
CA ALA A 206 -26.81 2.81 27.55
C ALA A 206 -28.23 2.67 27.06
N ASP A 207 -28.70 3.62 26.26
CA ASP A 207 -30.05 3.54 25.72
C ASP A 207 -30.20 2.36 24.78
N ALA A 208 -29.23 2.15 23.89
CA ALA A 208 -29.34 1.04 22.94
C ALA A 208 -29.39 -0.29 23.66
N LEU A 209 -28.64 -0.43 24.74
CA LEU A 209 -28.40 -1.71 25.37
C LEU A 209 -29.24 -1.91 26.63
N ASP A 210 -30.19 -1.03 26.91
CA ASP A 210 -31.04 -1.11 28.11
C ASP A 210 -30.19 -1.23 29.37
N MET A 211 -29.15 -0.40 29.46
CA MET A 211 -28.28 -0.33 30.61
C MET A 211 -28.28 1.09 31.19
N THR A 212 -27.66 1.22 32.36
CA THR A 212 -27.42 2.53 32.93
C THR A 212 -26.10 3.07 32.39
N VAL A 213 -25.90 4.39 32.52
CA VAL A 213 -24.65 4.96 32.05
C VAL A 213 -23.48 4.42 32.87
N ALA A 214 -23.69 4.26 34.18
CA ALA A 214 -22.66 3.69 35.04
C ALA A 214 -22.32 2.26 34.64
N SER A 215 -23.34 1.46 34.31
CA SER A 215 -23.10 0.12 33.78
C SER A 215 -22.21 0.17 32.56
N VAL A 216 -22.56 1.06 31.62
CA VAL A 216 -21.77 1.22 30.40
C VAL A 216 -20.34 1.62 30.73
N LYS A 217 -20.17 2.60 31.62
CA LYS A 217 -18.82 3.07 31.93
C LYS A 217 -17.97 1.96 32.54
N SER A 218 -18.53 1.24 33.51
CA SER A 218 -17.81 0.14 34.14
C SER A 218 -17.50 -0.96 33.12
N ALA A 219 -18.50 -1.37 32.34
CA ALA A 219 -18.27 -2.39 31.32
C ALA A 219 -17.18 -1.98 30.34
N LEU A 220 -17.23 -0.72 29.88
CA LEU A 220 -16.15 -0.21 29.04
C LEU A 220 -14.80 -0.37 29.69
N GLN A 221 -14.74 -0.16 31.01
CA GLN A 221 -13.45 -0.23 31.71
C GLN A 221 -12.97 -1.67 31.81
N ARG A 222 -13.86 -2.60 32.20
CA ARG A 222 -13.44 -3.99 32.22
C ARG A 222 -13.09 -4.49 30.84
N ALA A 223 -13.75 -3.95 29.79
CA ALA A 223 -13.41 -4.31 28.42
C ALA A 223 -12.02 -3.78 28.04
N ARG A 224 -11.78 -2.48 28.24
CA ARG A 224 -10.49 -1.90 27.88
C ARG A 224 -9.35 -2.53 28.66
N THR A 225 -9.64 -2.95 29.90
CA THR A 225 -8.61 -3.56 30.72
C THR A 225 -8.25 -4.94 30.18
N THR A 226 -9.25 -5.79 29.91
CA THR A 226 -8.97 -7.09 29.33
C THR A 226 -8.25 -6.94 28.00
N LEU A 227 -8.65 -5.94 27.22
CA LEU A 227 -8.12 -5.83 25.87
C LEU A 227 -6.67 -5.37 25.88
N ARG A 228 -6.36 -4.27 26.57
CA ARG A 228 -4.96 -3.96 26.86
C ARG A 228 -4.38 -5.04 27.76
N GLY A 229 -3.14 -5.44 27.50
CA GLY A 229 -2.56 -6.56 28.21
C GLY A 229 -2.84 -7.91 27.60
N ARG A 230 -3.87 -8.04 26.77
CA ARG A 230 -4.04 -9.21 25.92
C ARG A 230 -3.74 -8.93 24.45
N LEU A 231 -3.74 -7.67 24.05
CA LEU A 231 -3.42 -7.25 22.70
C LEU A 231 -2.07 -6.55 22.69
N PRO A 232 -1.12 -6.99 21.85
CA PRO A 232 0.12 -6.24 21.69
C PRO A 232 -0.18 -4.78 21.37
N GLU A 233 0.67 -3.88 21.86
CA GLU A 233 0.51 -2.47 21.53
C GLU A 233 1.06 -2.21 20.15
N ARG A 234 0.25 -1.60 19.29
CA ARG A 234 0.67 -1.28 17.95
C ARG A 234 1.00 0.20 17.85
N ARG A 235 2.00 0.51 17.02
CA ARG A 235 2.26 1.89 16.67
C ARG A 235 1.04 2.53 16.04
N SER A 236 0.88 3.82 16.27
CA SER A 236 -0.30 4.53 15.77
C SER A 236 -0.40 4.45 14.25
N GLU A 237 0.73 4.45 13.55
CA GLU A 237 0.72 4.43 12.09
C GLU A 237 0.34 3.06 11.56
N TRP A 238 0.90 2.02 12.16
CA TRP A 238 0.47 0.64 11.89
C TRP A 238 -1.04 0.48 12.05
N GLY A 239 -1.57 0.90 13.19
CA GLY A 239 -3.00 0.77 13.43
C GLY A 239 -3.86 1.61 12.52
N ALA A 240 -3.32 2.70 11.99
CA ALA A 240 -4.07 3.59 11.10
C ALA A 240 -4.12 3.09 9.66
N ALA A 241 -3.30 2.11 9.29
CA ALA A 241 -3.25 1.65 7.90
C ALA A 241 -4.64 1.27 7.40
N THR A 242 -4.96 1.75 6.19
CA THR A 242 -6.21 1.45 5.51
C THR A 242 -6.01 0.49 4.35
N GLU A 243 -4.83 -0.10 4.27
CA GLU A 243 -4.41 -1.07 3.28
C GLU A 243 -3.02 -1.55 3.68
N PRO A 244 -2.57 -2.69 3.15
CA PRO A 244 -1.17 -3.07 3.42
C PRO A 244 -0.24 -2.00 2.90
N SER A 245 0.92 -1.88 3.53
CA SER A 245 1.87 -0.83 3.13
C SER A 245 2.78 -1.37 2.05
N ALA A 246 3.56 -0.46 1.41
CA ALA A 246 4.47 -0.90 0.37
C ALA A 246 5.47 -1.89 0.93
N ALA A 247 5.95 -1.65 2.15
CA ALA A 247 6.84 -2.59 2.82
C ALA A 247 6.14 -3.92 3.10
N GLU A 248 4.84 -3.89 3.42
CA GLU A 248 4.14 -5.14 3.71
C GLU A 248 3.88 -5.93 2.45
N ARG A 249 3.43 -5.26 1.38
CA ARG A 249 3.31 -5.91 0.07
C ARG A 249 4.64 -6.52 -0.37
N SER A 250 5.76 -5.84 -0.08
CA SER A 250 7.06 -6.35 -0.50
CA SER A 250 7.04 -6.35 -0.51
C SER A 250 7.43 -7.61 0.26
N LEU A 251 7.25 -7.61 1.58
CA LEU A 251 7.47 -8.84 2.33
C LEU A 251 6.53 -9.95 1.84
N LEU A 252 5.25 -9.63 1.65
CA LEU A 252 4.29 -10.61 1.14
C LEU A 252 4.83 -11.31 -0.11
N ARG A 253 5.48 -10.55 -0.99
CA ARG A 253 6.04 -11.16 -2.20
C ARG A 253 7.19 -12.10 -1.86
N ARG A 254 8.02 -11.76 -0.86
CA ARG A 254 9.05 -12.70 -0.47
C ARG A 254 8.47 -13.92 0.23
N TYR A 255 7.32 -13.74 0.89
CA TYR A 255 6.64 -14.86 1.54
C TYR A 255 6.10 -15.85 0.51
N MET A 256 5.34 -15.34 -0.48
CA MET A 256 4.85 -16.20 -1.55
C MET A 256 6.00 -16.89 -2.29
N ALA A 257 7.09 -16.16 -2.53
CA ALA A 257 8.21 -16.73 -3.28
C ALA A 257 8.89 -17.84 -2.51
N ALA A 258 8.82 -17.80 -1.18
CA ALA A 258 9.41 -18.88 -0.39
C ALA A 258 8.70 -20.21 -0.61
N SER A 259 7.39 -20.21 -0.87
CA SER A 259 6.68 -21.46 -1.20
C SER A 259 6.96 -21.87 -2.64
N ARG A 260 6.82 -20.93 -3.58
CA ARG A 260 7.12 -21.19 -4.99
C ARG A 260 8.46 -21.88 -5.13
N ASP A 261 9.47 -21.44 -4.40
CA ASP A 261 10.84 -21.86 -4.61
C ASP A 261 11.34 -22.80 -3.51
N ALA A 262 10.46 -23.24 -2.61
CA ALA A 262 10.78 -24.22 -1.58
C ALA A 262 12.00 -23.79 -0.76
N ASP A 263 11.98 -22.54 -0.34
CA ASP A 263 13.16 -21.84 0.19
C ASP A 263 12.95 -21.58 1.68
N LEU A 264 13.24 -22.58 2.51
CA LEU A 264 13.07 -22.44 3.95
C LEU A 264 13.97 -21.36 4.55
N SER A 265 15.24 -21.30 4.12
CA SER A 265 16.13 -20.26 4.67
C SER A 265 15.54 -18.87 4.48
N ALA A 266 14.98 -18.60 3.31
CA ALA A 266 14.31 -17.32 3.09
C ALA A 266 13.14 -17.14 4.02
N LEU A 267 12.32 -18.20 4.18
CA LEU A 267 11.16 -18.13 5.06
C LEU A 267 11.58 -17.83 6.49
N ALA A 268 12.64 -18.49 6.97
CA ALA A 268 13.14 -18.24 8.32
C ALA A 268 13.53 -16.78 8.52
N LEU A 269 14.17 -16.17 7.51
CA LEU A 269 14.55 -14.76 7.61
C LEU A 269 13.33 -13.87 7.68
N LEU A 270 12.15 -14.36 7.31
CA LEU A 270 10.95 -13.55 7.33
C LEU A 270 10.25 -13.60 8.68
N LEU A 271 10.59 -14.57 9.50
CA LEU A 271 9.83 -14.87 10.71
C LEU A 271 10.53 -14.29 11.93
N ARG A 272 9.79 -13.56 12.75
CA ARG A 272 10.21 -13.32 14.12
C ARG A 272 10.58 -14.63 14.79
N GLU A 273 11.48 -14.55 15.77
CA GLU A 273 11.83 -15.74 16.55
C GLU A 273 10.61 -16.29 17.29
N ASP A 274 9.72 -15.43 17.77
CA ASP A 274 8.53 -15.87 18.50
C ASP A 274 7.26 -15.84 17.64
N ALA A 275 7.38 -15.92 16.32
CA ALA A 275 6.21 -15.89 15.44
C ALA A 275 5.32 -17.09 15.72
N ARG A 276 4.00 -16.87 15.62
CA ARG A 276 3.00 -17.92 15.74
C ARG A 276 2.22 -18.07 14.44
N GLN A 277 2.00 -19.30 14.02
CA GLN A 277 1.04 -19.59 12.97
C GLN A 277 -0.15 -20.27 13.62
N ALA A 278 -1.27 -19.58 13.67
CA ALA A 278 -2.50 -20.16 14.20
C ALA A 278 -3.43 -20.49 13.04
N MET A 279 -4.22 -21.54 13.26
CA MET A 279 -5.22 -22.02 12.30
C MET A 279 -6.55 -22.13 13.04
N PRO A 280 -7.24 -21.02 13.19
CA PRO A 280 -8.42 -20.96 14.09
C PRO A 280 -9.48 -22.00 13.77
N PRO A 281 -9.82 -22.22 12.49
CA PRO A 281 -10.87 -23.21 12.19
C PRO A 281 -10.49 -24.62 12.55
N HIS A 282 -9.20 -24.94 12.59
CA HIS A 282 -8.76 -26.28 12.92
C HIS A 282 -8.23 -26.38 14.34
N ARG A 283 -8.39 -25.32 15.14
CA ARG A 283 -7.93 -25.29 16.53
C ARG A 283 -6.53 -25.88 16.66
N LEU A 284 -5.62 -25.36 15.84
CA LEU A 284 -4.21 -25.68 15.89
C LEU A 284 -3.40 -24.39 16.02
N VAL A 285 -2.28 -24.46 16.74
CA VAL A 285 -1.35 -23.34 16.84
C VAL A 285 0.07 -23.88 16.81
N PHE A 286 0.95 -23.18 16.09
CA PHE A 286 2.37 -23.55 15.99
C PHE A 286 3.20 -22.37 16.50
N ASP A 287 3.77 -22.54 17.70
CA ASP A 287 4.35 -21.48 18.51
C ASP A 287 5.86 -21.39 18.28
N GLY A 288 6.30 -20.30 17.67
CA GLY A 288 7.72 -20.09 17.49
C GLY A 288 8.20 -20.45 16.09
N ARG A 289 9.27 -19.78 15.67
CA ARG A 289 9.74 -19.91 14.29
C ARG A 289 10.19 -21.33 13.96
N ASP A 290 10.82 -22.01 14.92
CA ASP A 290 11.19 -23.42 14.71
C ASP A 290 9.96 -24.29 14.50
N ALA A 291 8.88 -24.01 15.24
CA ALA A 291 7.66 -24.78 15.08
C ALA A 291 7.09 -24.60 13.67
N ILE A 292 7.13 -23.35 13.18
CA ILE A 292 6.62 -23.06 11.85
C ILE A 292 7.48 -23.72 10.80
N LEU A 293 8.80 -23.60 10.95
CA LEU A 293 9.71 -24.19 9.96
C LEU A 293 9.59 -25.71 9.95
N ASP A 294 9.37 -26.32 11.12
CA ASP A 294 9.15 -27.76 11.16
C ASP A 294 7.85 -28.15 10.49
N LEU A 295 6.83 -27.29 10.57
CA LEU A 295 5.58 -27.57 9.87
C LEU A 295 5.77 -27.54 8.35
N TRP A 296 6.44 -26.51 7.83
CA TRP A 296 6.52 -26.32 6.38
C TRP A 296 7.55 -27.22 5.70
N ARG A 297 8.64 -27.56 6.40
CA ARG A 297 9.76 -28.21 5.73
C ARG A 297 9.40 -29.51 5.03
N PRO A 298 8.63 -30.44 5.64
CA PRO A 298 8.26 -31.66 4.89
C PRO A 298 7.25 -31.39 3.77
N VAL A 299 6.42 -30.34 3.90
CA VAL A 299 5.53 -29.98 2.80
C VAL A 299 6.32 -29.50 1.58
N LEU A 300 7.46 -28.84 1.78
CA LEU A 300 8.18 -28.24 0.66
C LEU A 300 9.42 -29.00 0.23
N GLU A 301 10.01 -29.81 1.11
CA GLU A 301 11.29 -30.46 0.84
C GLU A 301 11.15 -31.97 0.89
N GLY A 302 11.91 -32.65 0.02
CA GLY A 302 12.13 -34.07 0.16
C GLY A 302 11.03 -34.93 -0.45
N ASP A 303 11.04 -36.21 -0.05
CA ASP A 303 10.12 -37.19 -0.62
C ASP A 303 8.69 -36.93 -0.20
N THR A 304 8.47 -36.14 0.85
CA THR A 304 7.14 -35.84 1.34
C THR A 304 6.50 -34.65 0.64
N ALA A 305 7.26 -33.90 -0.15
CA ALA A 305 6.78 -32.61 -0.66
C ALA A 305 5.54 -32.79 -1.52
N TRP A 306 4.53 -31.94 -1.28
CA TRP A 306 3.23 -32.11 -1.94
C TRP A 306 3.33 -31.92 -3.45
N GLY A 307 3.96 -30.84 -3.89
CA GLY A 307 4.08 -30.55 -5.31
C GLY A 307 4.69 -29.20 -5.62
N GLU A 308 4.09 -28.45 -6.55
CA GLU A 308 4.55 -27.11 -6.91
C GLU A 308 3.50 -26.09 -6.46
N TRP A 309 3.97 -24.89 -6.13
CA TRP A 309 3.18 -23.91 -5.42
C TRP A 309 3.12 -22.58 -6.16
N ARG A 310 1.94 -21.94 -6.10
CA ARG A 310 1.71 -20.59 -6.58
C ARG A 310 0.78 -19.90 -5.60
N SER A 311 0.90 -18.58 -5.48
CA SER A 311 0.13 -17.81 -4.51
C SER A 311 -0.39 -16.53 -5.13
N VAL A 312 -1.49 -16.02 -4.55
CA VAL A 312 -2.22 -14.89 -5.06
C VAL A 312 -2.46 -13.91 -3.92
N PRO A 313 -2.01 -12.65 -4.01
CA PRO A 313 -2.26 -11.67 -2.94
C PRO A 313 -3.75 -11.41 -2.72
N TYR A 314 -4.12 -11.12 -1.47
CA TYR A 314 -5.53 -11.10 -1.11
C TYR A 314 -5.75 -10.31 0.19
N ALA A 315 -5.65 -8.98 0.13
CA ALA A 315 -5.74 -8.16 1.33
C ALA A 315 -7.05 -8.39 2.09
N VAL A 316 -6.93 -8.72 3.37
CA VAL A 316 -8.09 -8.89 4.26
C VAL A 316 -7.77 -8.23 5.59
N ASN A 317 -8.79 -7.60 6.18
CA ASN A 317 -8.67 -6.97 7.49
C ASN A 317 -7.50 -5.99 7.52
N ARG A 318 -7.28 -5.32 6.39
CA ARG A 318 -6.20 -4.35 6.19
C ARG A 318 -4.82 -4.99 6.39
N GLN A 319 -4.69 -6.29 6.18
CA GLN A 319 -3.44 -6.98 6.44
C GLN A 319 -2.95 -7.61 5.14
N PRO A 320 -1.65 -7.76 4.95
CA PRO A 320 -1.18 -8.49 3.78
C PRO A 320 -1.54 -9.96 3.92
N ALA A 321 -1.94 -10.57 2.81
CA ALA A 321 -2.41 -11.94 2.84
C ALA A 321 -2.25 -12.57 1.47
N ALA A 322 -2.10 -13.88 1.45
CA ALA A 322 -1.95 -14.59 0.20
C ALA A 322 -2.66 -15.93 0.25
N VAL A 323 -3.35 -16.25 -0.85
CA VAL A 323 -3.96 -17.57 -1.04
C VAL A 323 -2.93 -18.43 -1.76
N SER A 324 -2.51 -19.50 -1.13
CA SER A 324 -1.56 -20.41 -1.71
C SER A 324 -2.27 -21.58 -2.43
N TYR A 325 -1.63 -22.07 -3.49
CA TYR A 325 -2.16 -23.10 -4.37
C TYR A 325 -1.09 -24.14 -4.59
N VAL A 326 -1.48 -25.43 -4.60
CA VAL A 326 -0.53 -26.53 -4.81
C VAL A 326 -1.01 -27.35 -6.00
N ARG A 327 -0.04 -27.80 -6.81
CA ARG A 327 -0.29 -28.69 -7.94
C ARG A 327 0.48 -29.97 -7.68
N ARG A 328 -0.23 -31.07 -7.47
CA ARG A 328 0.44 -32.32 -7.14
C ARG A 328 0.67 -33.16 -8.40
N ALA A 329 1.47 -34.21 -8.23
CA ALA A 329 1.83 -35.09 -9.33
C ALA A 329 0.59 -35.62 -10.04
N GLY A 330 0.55 -35.40 -11.37
CA GLY A 330 -0.55 -35.84 -12.19
C GLY A 330 -1.62 -34.78 -12.45
N GLU A 331 -1.54 -33.62 -11.81
CA GLU A 331 -2.60 -32.63 -11.87
C GLU A 331 -2.24 -31.57 -12.90
N THR A 332 -3.27 -30.92 -13.45
CA THR A 332 -3.13 -29.91 -14.50
C THR A 332 -3.17 -28.49 -13.96
N LEU A 333 -4.06 -28.21 -13.03
CA LEU A 333 -4.16 -26.91 -12.38
C LEU A 333 -3.61 -27.00 -10.97
N PHE A 334 -3.42 -25.83 -10.35
CA PHE A 334 -3.11 -25.70 -8.93
C PHE A 334 -4.42 -25.57 -8.18
N THR A 335 -4.48 -26.15 -6.98
CA THR A 335 -5.68 -26.11 -6.14
C THR A 335 -5.39 -25.35 -4.85
N ALA A 336 -6.36 -24.53 -4.42
CA ALA A 336 -6.20 -23.69 -3.24
C ALA A 336 -5.95 -24.54 -2.00
N VAL A 337 -5.02 -24.09 -1.17
CA VAL A 337 -4.68 -24.73 0.09
C VAL A 337 -5.01 -23.80 1.25
N ASN A 338 -4.24 -22.71 1.39
CA ASN A 338 -4.34 -21.87 2.58
C ASN A 338 -4.60 -20.42 2.22
N VAL A 339 -5.39 -19.75 3.04
CA VAL A 339 -5.37 -18.31 3.14
C VAL A 339 -4.50 -17.96 4.34
N ASP A 340 -3.37 -17.34 4.07
CA ASP A 340 -2.43 -16.90 5.11
C ASP A 340 -2.57 -15.40 5.29
N VAL A 341 -2.88 -14.97 6.51
CA VAL A 341 -2.96 -13.56 6.83
C VAL A 341 -1.80 -13.21 7.74
N LEU A 342 -0.89 -12.37 7.25
CA LEU A 342 0.34 -12.05 7.96
C LEU A 342 0.16 -10.82 8.83
N THR A 343 0.70 -10.89 10.04
CA THR A 343 0.88 -9.73 10.89
C THR A 343 2.35 -9.35 10.80
N VAL A 344 2.63 -8.21 10.17
CA VAL A 344 3.99 -7.78 9.81
C VAL A 344 4.36 -6.55 10.63
N VAL A 345 5.45 -6.63 11.37
CA VAL A 345 6.00 -5.48 12.07
C VAL A 345 7.49 -5.41 11.75
N ASP A 346 7.95 -4.24 11.27
CA ASP A 346 9.37 -3.98 11.04
C ASP A 346 9.99 -5.01 10.09
N GLY A 347 9.26 -5.33 9.03
CA GLY A 347 9.78 -6.28 8.07
C GLY A 347 9.96 -7.68 8.61
N LEU A 348 9.17 -8.07 9.61
CA LEU A 348 9.18 -9.41 10.16
C LEU A 348 7.74 -9.89 10.37
N ILE A 349 7.52 -11.17 10.13
CA ILE A 349 6.21 -11.78 10.41
C ILE A 349 6.13 -12.09 11.89
N ALA A 350 5.21 -11.41 12.59
CA ALA A 350 4.95 -11.75 13.99
C ALA A 350 3.92 -12.89 14.09
N GLU A 351 2.93 -12.92 13.21
CA GLU A 351 1.90 -13.94 13.27
C GLU A 351 1.45 -14.29 11.85
N ILE A 352 1.11 -15.57 11.65
CA ILE A 352 0.39 -16.03 10.46
C ILE A 352 -0.93 -16.61 10.95
N THR A 353 -2.04 -16.06 10.47
CA THR A 353 -3.36 -16.63 10.71
C THR A 353 -3.82 -17.29 9.42
N THR A 354 -4.10 -18.60 9.49
CA THR A 354 -4.32 -19.45 8.34
C THR A 354 -5.74 -19.99 8.35
N PHE A 355 -6.48 -19.75 7.27
CA PHE A 355 -7.83 -20.22 7.08
C PHE A 355 -7.89 -21.16 5.88
N ASP A 356 -8.98 -21.93 5.84
CA ASP A 356 -9.32 -22.81 4.73
C ASP A 356 -10.07 -22.02 3.67
N PRO A 357 -9.58 -21.94 2.43
CA PRO A 357 -10.33 -21.23 1.38
C PRO A 357 -11.70 -21.83 1.09
N GLY A 358 -11.84 -23.17 1.21
CA GLY A 358 -13.12 -23.78 0.91
C GLY A 358 -14.21 -23.36 1.88
N LEU A 359 -13.86 -23.21 3.15
CA LEU A 359 -14.78 -22.76 4.19
C LEU A 359 -15.10 -21.26 4.10
N LEU A 360 -14.45 -20.50 3.20
CA LEU A 360 -14.67 -19.07 3.17
C LEU A 360 -15.42 -18.67 1.91
N PRO A 361 -16.15 -17.55 1.95
CA PRO A 361 -16.68 -17.00 0.70
C PRO A 361 -15.57 -16.41 -0.16
N GLY A 362 -15.69 -16.61 -1.47
CA GLY A 362 -15.09 -15.71 -2.44
C GLY A 362 -13.77 -16.07 -3.09
N ILE A 363 -13.20 -17.24 -2.85
CA ILE A 363 -11.83 -17.53 -3.27
C ILE A 363 -11.81 -18.58 -4.39
N ALA A 364 -11.20 -18.23 -5.51
CA ALA A 364 -11.07 -19.12 -6.67
C ALA A 364 -10.44 -20.45 -6.25
N PRO A 365 -11.11 -21.58 -6.52
CA PRO A 365 -10.59 -22.85 -5.98
C PRO A 365 -9.36 -23.34 -6.72
N THR A 366 -9.17 -22.94 -7.97
CA THR A 366 -8.05 -23.40 -8.75
C THR A 366 -7.47 -22.23 -9.53
N LEU A 367 -6.23 -22.38 -9.96
CA LEU A 367 -5.63 -21.43 -10.87
C LEU A 367 -4.72 -22.20 -11.81
N ALA A 368 -4.33 -21.53 -12.89
CA ALA A 368 -3.83 -22.19 -14.07
C ALA A 368 -2.30 -22.27 -14.15
N GLU A 369 -1.61 -21.20 -13.78
CA GLU A 369 -0.18 -20.93 -14.12
C GLU A 369 -0.13 -20.17 -15.46
N SER B 38 13.28 -18.46 -8.60
CA SER B 38 14.65 -18.02 -8.35
C SER B 38 15.62 -19.19 -8.51
N ALA B 39 16.88 -18.86 -8.81
CA ALA B 39 17.93 -19.85 -8.98
C ALA B 39 18.52 -20.24 -7.62
N GLU B 40 19.34 -21.30 -7.64
CA GLU B 40 19.81 -21.94 -6.41
C GLU B 40 21.33 -21.90 -6.26
N THR B 41 22.00 -22.97 -6.66
CA THR B 41 23.45 -22.99 -6.82
C THR B 41 23.83 -23.33 -8.25
N ILE B 42 22.83 -23.42 -9.14
CA ILE B 42 23.05 -23.54 -10.56
C ILE B 42 23.86 -22.39 -11.13
N ARG B 43 23.97 -21.30 -10.38
CA ARG B 43 24.69 -20.12 -10.82
C ARG B 43 26.20 -20.27 -10.71
N THR B 44 26.70 -20.84 -9.61
CA THR B 44 28.12 -21.16 -9.54
C THR B 44 28.47 -22.31 -10.47
N GLY B 45 27.49 -23.12 -10.87
CA GLY B 45 27.70 -24.16 -11.86
C GLY B 45 27.22 -23.75 -13.23
N GLY B 46 27.13 -22.44 -13.45
CA GLY B 46 26.69 -21.91 -14.74
C GLY B 46 27.54 -20.73 -15.16
N GLU B 47 27.52 -20.48 -16.46
CA GLU B 47 28.29 -19.40 -17.06
C GLU B 47 27.50 -18.80 -18.22
N GLU B 48 27.39 -17.47 -18.25
CA GLU B 48 26.74 -16.74 -19.34
C GLU B 48 25.25 -17.06 -19.42
N VAL B 49 24.76 -17.98 -18.58
CA VAL B 49 23.33 -18.07 -18.39
C VAL B 49 22.91 -17.26 -17.18
N PHE B 50 23.87 -16.81 -16.37
CA PHE B 50 23.62 -15.80 -15.35
C PHE B 50 22.76 -14.67 -15.89
N ALA B 51 23.13 -14.12 -17.04
CA ALA B 51 22.38 -13.01 -17.62
C ALA B 51 20.92 -13.38 -17.83
N ALA B 52 20.65 -14.56 -18.39
CA ALA B 52 19.26 -14.99 -18.58
C ALA B 52 18.49 -15.01 -17.26
N LEU B 53 19.10 -15.51 -16.20
CA LEU B 53 18.40 -15.63 -14.94
C LEU B 53 18.25 -14.28 -14.22
N ALA B 54 19.30 -13.45 -14.27
CA ALA B 54 19.23 -12.14 -13.65
C ALA B 54 18.32 -11.18 -14.39
N GLU B 55 18.00 -11.48 -15.66
CA GLU B 55 17.22 -10.55 -16.47
C GLU B 55 15.86 -10.26 -15.85
N ARG B 56 15.27 -11.26 -15.17
CA ARG B 56 13.95 -11.10 -14.56
C ARG B 56 13.91 -9.93 -13.57
N TYR B 57 15.04 -9.60 -12.94
CA TYR B 57 15.08 -8.59 -11.90
C TYR B 57 15.65 -7.25 -12.35
N ARG B 58 16.09 -7.16 -13.62
CA ARG B 58 16.74 -5.94 -14.10
CA ARG B 58 16.74 -5.94 -14.10
C ARG B 58 15.86 -4.71 -13.87
N HIS B 59 14.61 -4.75 -14.33
CA HIS B 59 13.76 -3.56 -14.24
C HIS B 59 13.57 -3.12 -12.78
N GLU B 60 13.24 -4.05 -11.88
CA GLU B 60 12.99 -3.62 -10.51
C GLU B 60 14.28 -3.15 -9.84
N LEU B 61 15.42 -3.76 -10.17
CA LEU B 61 16.71 -3.30 -9.65
C LEU B 61 17.04 -1.92 -10.18
N ARG B 62 16.60 -1.60 -11.39
CA ARG B 62 16.81 -0.27 -11.93
C ARG B 62 15.99 0.77 -11.19
N VAL B 63 14.74 0.43 -10.86
CA VAL B 63 13.89 1.36 -10.12
C VAL B 63 14.44 1.57 -8.71
N HIS B 64 15.01 0.50 -8.12
CA HIS B 64 15.68 0.63 -6.84
C HIS B 64 16.86 1.60 -6.94
N LEU B 65 17.74 1.39 -7.93
CA LEU B 65 18.85 2.31 -8.09
C LEU B 65 18.35 3.73 -8.35
N TYR B 66 17.35 3.87 -9.21
CA TYR B 66 16.74 5.17 -9.47
C TYR B 66 16.36 5.89 -8.18
N ARG B 67 15.73 5.16 -7.24
CA ARG B 67 15.37 5.78 -5.97
C ARG B 67 16.61 6.28 -5.23
N MET B 68 17.72 5.55 -5.35
CA MET B 68 18.96 5.93 -4.68
C MET B 68 19.59 7.14 -5.36
N LEU B 69 19.50 7.22 -6.69
CA LEU B 69 20.26 8.23 -7.45
C LEU B 69 19.41 9.39 -7.95
N GLY B 70 18.12 9.18 -8.21
CA GLY B 70 17.28 10.20 -8.80
C GLY B 70 17.46 10.39 -10.29
N SER B 71 18.36 9.65 -10.94
CA SER B 71 18.58 9.77 -12.37
C SER B 71 18.32 8.44 -13.07
N PHE B 72 17.53 8.49 -14.14
CA PHE B 72 17.30 7.29 -14.94
C PHE B 72 18.59 6.79 -15.58
N THR B 73 19.38 7.69 -16.20
CA THR B 73 20.57 7.21 -16.93
C THR B 73 21.61 6.65 -15.96
N ASP B 74 21.76 7.27 -14.78
CA ASP B 74 22.64 6.69 -13.75
C ASP B 74 22.10 5.35 -13.24
N ALA B 75 20.79 5.21 -13.10
CA ALA B 75 20.22 3.92 -12.70
C ALA B 75 20.51 2.84 -13.74
N GLU B 76 20.35 3.18 -15.02
CA GLU B 76 20.69 2.27 -16.12
C GLU B 76 22.16 1.86 -16.07
N ASP B 77 23.07 2.83 -16.04
CA ASP B 77 24.48 2.54 -15.85
C ASP B 77 24.71 1.60 -14.68
N LEU B 78 24.17 1.95 -13.52
CA LEU B 78 24.52 1.19 -12.33
C LEU B 78 23.87 -0.19 -12.27
N VAL B 79 22.74 -0.40 -12.96
CA VAL B 79 22.20 -1.76 -13.00
C VAL B 79 23.05 -2.63 -13.93
N GLN B 80 23.59 -2.04 -15.01
CA GLN B 80 24.54 -2.77 -15.86
C GLN B 80 25.78 -3.16 -15.07
N GLU B 81 26.33 -2.22 -14.29
CA GLU B 81 27.44 -2.54 -13.39
C GLU B 81 27.06 -3.59 -12.36
N THR B 82 25.92 -3.42 -11.70
CA THR B 82 25.42 -4.42 -10.75
C THR B 82 25.46 -5.83 -11.32
N LEU B 83 24.80 -6.05 -12.47
CA LEU B 83 24.70 -7.41 -13.00
C LEU B 83 26.06 -7.96 -13.42
N LEU B 84 26.93 -7.12 -13.97
CA LEU B 84 28.28 -7.57 -14.28
C LEU B 84 29.07 -7.90 -13.01
N LYS B 85 28.97 -7.05 -11.99
CA LYS B 85 29.60 -7.34 -10.70
C LYS B 85 29.08 -8.64 -10.12
N ALA B 86 27.75 -8.84 -10.17
CA ALA B 86 27.13 -10.05 -9.62
C ALA B 86 27.68 -11.30 -10.29
N TRP B 87 27.77 -11.30 -11.63
CA TRP B 87 28.35 -12.44 -12.33
C TRP B 87 29.78 -12.70 -11.89
N ARG B 88 30.58 -11.64 -11.72
CA ARG B 88 31.97 -11.84 -11.34
C ARG B 88 32.09 -12.34 -9.91
N ARG B 89 31.17 -11.96 -9.04
CA ARG B 89 31.18 -12.35 -7.64
C ARG B 89 30.14 -13.43 -7.34
N ARG B 90 29.83 -14.26 -8.35
CA ARG B 90 28.87 -15.34 -8.17
C ARG B 90 29.29 -16.31 -7.09
N GLU B 91 30.58 -16.36 -6.77
CA GLU B 91 31.06 -17.15 -5.65
C GLU B 91 30.32 -16.80 -4.35
N THR B 92 29.96 -15.53 -4.17
CA THR B 92 29.44 -15.10 -2.88
C THR B 92 27.98 -15.45 -2.64
N PHE B 93 27.29 -16.06 -3.61
CA PHE B 93 25.88 -16.41 -3.40
C PHE B 93 25.80 -17.67 -2.55
N GLU B 94 25.56 -17.50 -1.26
CA GLU B 94 25.39 -18.67 -0.41
C GLU B 94 23.96 -19.19 -0.48
N GLY B 95 22.99 -18.32 -0.72
CA GLY B 95 21.63 -18.69 -0.95
C GLY B 95 20.65 -18.36 0.16
N ARG B 96 20.99 -17.41 1.03
CA ARG B 96 20.25 -17.20 2.27
C ARG B 96 18.84 -16.69 2.01
N ALA B 97 18.74 -15.45 1.55
CA ALA B 97 17.43 -14.85 1.29
C ALA B 97 17.04 -14.93 -0.18
N GLY B 98 17.81 -15.63 -1.01
CA GLY B 98 17.48 -15.86 -2.40
C GLY B 98 18.31 -15.02 -3.36
N PHE B 99 18.16 -15.35 -4.65
CA PHE B 99 18.88 -14.68 -5.74
C PHE B 99 18.56 -13.19 -5.78
N ARG B 100 17.27 -12.85 -5.72
CA ARG B 100 16.84 -11.48 -5.87
C ARG B 100 17.43 -10.58 -4.77
N ALA B 101 17.33 -11.00 -3.51
CA ALA B 101 17.84 -10.19 -2.40
C ALA B 101 19.34 -9.98 -2.52
N TRP B 102 20.05 -11.00 -2.99
CA TRP B 102 21.49 -10.88 -3.23
C TRP B 102 21.79 -9.84 -4.31
N LEU B 103 21.02 -9.85 -5.41
CA LEU B 103 21.18 -8.81 -6.43
C LEU B 103 20.92 -7.43 -5.84
N TYR B 104 19.96 -7.33 -4.92
CA TYR B 104 19.64 -6.05 -4.29
C TYR B 104 20.78 -5.54 -3.42
N ARG B 105 21.49 -6.44 -2.74
CA ARG B 105 22.60 -6.00 -1.92
C ARG B 105 23.75 -5.52 -2.78
N ILE B 106 23.96 -6.15 -3.94
CA ILE B 106 25.03 -5.70 -4.82
C ILE B 106 24.65 -4.38 -5.48
N ALA B 107 23.41 -4.25 -5.93
CA ALA B 107 22.97 -2.98 -6.49
C ALA B 107 23.08 -1.87 -5.45
N THR B 108 22.58 -2.11 -4.23
CA THR B 108 22.61 -1.07 -3.21
C THR B 108 24.04 -0.63 -2.93
N ASN B 109 24.98 -1.57 -2.84
CA ASN B 109 26.36 -1.21 -2.54
C ASN B 109 27.01 -0.55 -3.75
N THR B 110 26.67 -1.00 -4.95
CA THR B 110 27.18 -0.33 -6.15
C THR B 110 26.72 1.13 -6.18
N ALA B 111 25.46 1.39 -5.81
CA ALA B 111 25.01 2.76 -5.69
C ALA B 111 25.85 3.53 -4.67
N LEU B 112 26.11 2.92 -3.51
CA LEU B 112 26.86 3.63 -2.46
C LEU B 112 28.30 3.92 -2.87
N ASP B 113 28.91 3.07 -3.68
CA ASP B 113 30.24 3.36 -4.22
C ASP B 113 30.19 4.57 -5.14
N PHE B 114 29.20 4.60 -6.04
CA PHE B 114 29.00 5.75 -6.91
C PHE B 114 28.80 7.03 -6.10
N LEU B 115 27.91 6.98 -5.11
CA LEU B 115 27.58 8.16 -4.34
C LEU B 115 28.70 8.56 -3.39
N GLY B 116 29.66 7.67 -3.17
CA GLY B 116 30.83 8.02 -2.37
C GLY B 116 32.03 8.36 -3.22
N GLY B 117 31.92 8.14 -4.54
CA GLY B 117 33.00 8.40 -5.45
C GLY B 117 32.70 9.56 -6.38
N PRO B 118 32.46 9.25 -7.67
CA PRO B 118 32.15 10.33 -8.63
C PRO B 118 31.05 11.26 -8.16
N ALA B 119 30.02 10.75 -7.48
CA ALA B 119 28.86 11.55 -7.14
C ALA B 119 28.86 12.00 -5.68
N ARG B 120 30.04 12.00 -5.04
CA ARG B 120 30.13 12.36 -3.63
C ARG B 120 29.54 13.73 -3.34
N ASN B 121 29.60 14.65 -4.32
CA ASN B 121 29.17 16.03 -4.08
C ASN B 121 27.66 16.19 -4.20
N ARG B 122 26.95 15.15 -4.62
CA ARG B 122 25.53 15.20 -4.92
C ARG B 122 24.71 14.97 -3.63
N GLU B 123 24.71 16.01 -2.80
CA GLU B 123 24.12 15.93 -1.47
C GLU B 123 23.50 17.30 -1.18
N VAL B 124 22.18 17.41 -1.37
CA VAL B 124 21.51 18.69 -1.14
C VAL B 124 21.32 18.90 0.36
N ALA B 125 21.68 20.09 0.83
CA ALA B 125 21.67 20.39 2.26
C ALA B 125 20.28 20.83 2.73
N SER B 137 13.04 24.97 -2.59
CA SER B 137 12.34 23.72 -2.89
C SER B 137 13.34 22.61 -3.26
N ALA B 138 13.00 21.39 -2.86
CA ALA B 138 13.92 20.26 -3.01
C ALA B 138 14.16 19.90 -4.46
N LEU B 139 13.17 20.08 -5.34
CA LEU B 139 13.35 19.72 -6.73
C LEU B 139 14.37 20.61 -7.42
N ALA B 140 14.39 21.90 -7.04
CA ALA B 140 15.15 22.91 -7.79
C ALA B 140 16.65 22.58 -7.84
N GLU B 141 17.20 22.08 -6.74
CA GLU B 141 18.64 21.89 -6.65
C GLU B 141 19.12 20.55 -7.17
N VAL B 142 18.22 19.58 -7.36
CA VAL B 142 18.61 18.26 -7.83
C VAL B 142 18.73 18.33 -9.34
N SER B 143 19.88 18.84 -9.82
CA SER B 143 20.05 19.04 -11.24
C SER B 143 20.24 17.73 -12.01
N TRP B 144 20.54 16.63 -11.32
CA TRP B 144 20.66 15.32 -11.95
C TRP B 144 19.33 14.60 -12.00
N LEU B 145 18.28 15.21 -11.45
CA LEU B 145 16.95 14.59 -11.42
C LEU B 145 16.41 14.36 -12.83
N GLN B 146 15.88 13.16 -13.05
CA GLN B 146 15.26 12.85 -14.33
C GLN B 146 13.95 12.12 -14.03
N PRO B 147 12.96 12.18 -14.91
CA PRO B 147 11.70 11.44 -14.68
C PRO B 147 11.84 9.97 -15.07
N TYR B 148 10.82 9.19 -14.72
CA TYR B 148 10.77 7.76 -15.04
C TYR B 148 9.43 7.48 -15.73
N PRO B 149 9.43 7.17 -17.02
CA PRO B 149 8.16 6.90 -17.72
C PRO B 149 7.33 5.83 -17.03
N ASP B 150 6.02 6.11 -16.91
CA ASP B 150 5.07 5.15 -16.37
C ASP B 150 5.12 3.82 -17.13
N ARG B 151 5.29 3.88 -18.45
CA ARG B 151 5.36 2.67 -19.26
C ARG B 151 6.51 1.77 -18.82
N LEU B 152 7.60 2.36 -18.34
CA LEU B 152 8.73 1.58 -17.89
C LEU B 152 8.63 1.22 -16.42
N LEU B 153 7.95 2.05 -15.63
CA LEU B 153 7.63 1.67 -14.26
C LEU B 153 6.75 0.44 -14.23
N ASP B 154 5.88 0.29 -15.23
CA ASP B 154 4.97 -0.85 -15.27
C ASP B 154 5.73 -2.14 -15.53
N LEU B 155 6.88 -2.08 -16.20
CA LEU B 155 7.70 -3.27 -16.39
C LEU B 155 8.42 -3.71 -15.12
N ALA B 156 8.43 -2.90 -14.05
CA ALA B 156 9.28 -3.16 -12.89
C ALA B 156 8.53 -3.72 -11.67
N ALA B 157 7.26 -4.07 -11.81
CA ALA B 157 6.52 -4.72 -10.72
C ALA B 157 5.20 -5.26 -11.25
N ALA B 167 1.81 -3.19 -8.51
CA ALA B 167 2.28 -2.08 -9.34
C ALA B 167 2.97 -1.00 -8.50
N ILE B 168 4.00 -0.35 -9.07
CA ILE B 168 4.65 0.73 -8.37
C ILE B 168 3.69 1.91 -8.26
N ALA B 169 3.57 2.48 -7.06
CA ALA B 169 2.63 3.54 -6.79
C ALA B 169 3.32 4.89 -6.62
N ARG B 170 2.53 5.95 -6.78
CA ARG B 170 3.04 7.30 -6.83
C ARG B 170 3.92 7.63 -5.63
N GLU B 171 3.55 7.15 -4.45
CA GLU B 171 4.22 7.54 -3.20
C GLU B 171 5.69 7.16 -3.17
N THR B 172 6.10 6.16 -3.94
CA THR B 172 7.48 5.68 -3.91
C THR B 172 8.33 6.17 -5.09
N VAL B 173 7.80 7.02 -5.98
CA VAL B 173 8.49 7.43 -7.21
C VAL B 173 8.20 8.89 -7.57
N GLU B 174 7.20 9.47 -6.92
CA GLU B 174 6.87 10.87 -7.06
C GLU B 174 8.12 11.76 -7.01
N LEU B 175 8.17 12.76 -7.89
CA LEU B 175 9.40 13.54 -8.06
C LEU B 175 9.80 14.23 -6.76
N ALA B 176 8.83 14.91 -6.12
CA ALA B 176 9.12 15.58 -4.84
C ALA B 176 9.64 14.60 -3.79
N PHE B 177 9.14 13.35 -3.81
CA PHE B 177 9.68 12.33 -2.92
C PHE B 177 11.12 11.96 -3.29
N LEU B 178 11.41 11.83 -4.58
CA LEU B 178 12.78 11.55 -4.97
C LEU B 178 13.71 12.70 -4.59
N ALA B 179 13.22 13.93 -4.71
CA ALA B 179 14.08 15.08 -4.45
C ALA B 179 14.48 15.14 -2.99
N VAL B 180 13.51 14.93 -2.08
CA VAL B 180 13.84 14.99 -0.66
C VAL B 180 14.80 13.87 -0.29
N ILE B 181 14.63 12.70 -0.89
CA ILE B 181 15.53 11.58 -0.64
C ILE B 181 16.96 11.98 -0.99
N GLN B 182 17.11 12.78 -2.04
CA GLN B 182 18.43 13.31 -2.37
C GLN B 182 18.99 14.20 -1.27
N HIS B 183 18.16 14.70 -0.34
CA HIS B 183 18.66 15.50 0.78
C HIS B 183 19.23 14.67 1.92
N LEU B 184 19.00 13.38 1.94
CA LEU B 184 19.57 12.46 2.92
C LEU B 184 20.92 11.95 2.45
N PRO B 185 21.84 11.70 3.38
CA PRO B 185 23.08 11.02 3.03
C PRO B 185 22.80 9.69 2.38
N PRO B 186 23.70 9.22 1.48
CA PRO B 186 23.46 7.96 0.75
C PRO B 186 23.08 6.75 1.60
N ARG B 187 23.86 6.44 2.64
CA ARG B 187 23.55 5.26 3.45
C ARG B 187 22.20 5.42 4.14
N GLN B 188 21.86 6.64 4.55
CA GLN B 188 20.53 6.87 5.12
C GLN B 188 19.43 6.63 4.09
N ARG B 189 19.63 7.13 2.85
CA ARG B 189 18.67 6.85 1.78
C ARG B 189 18.42 5.36 1.65
N ALA B 190 19.50 4.60 1.63
CA ALA B 190 19.42 3.16 1.47
C ALA B 190 18.66 2.52 2.63
N VAL B 191 18.82 3.05 3.86
CA VAL B 191 18.05 2.57 5.01
C VAL B 191 16.57 2.83 4.79
N LEU B 192 16.23 4.07 4.42
CA LEU B 192 14.83 4.41 4.20
C LEU B 192 14.21 3.53 3.13
N ILE B 193 14.91 3.34 2.02
CA ILE B 193 14.37 2.56 0.91
C ILE B 193 14.24 1.09 1.28
N LEU B 194 15.28 0.52 1.88
CA LEU B 194 15.26 -0.90 2.18
C LEU B 194 14.24 -1.24 3.26
N ARG B 195 14.00 -0.32 4.21
CA ARG B 195 13.08 -0.57 5.31
C ARG B 195 11.64 -0.23 4.95
N ASP B 196 11.41 0.94 4.34
CA ASP B 196 10.04 1.40 4.13
C ASP B 196 9.54 1.17 2.71
N ILE B 197 10.34 0.58 1.83
CA ILE B 197 9.81 0.30 0.51
C ILE B 197 10.02 -1.18 0.24
N ALA B 198 11.25 -1.66 0.43
CA ALA B 198 11.51 -3.08 0.26
C ALA B 198 10.98 -3.91 1.44
N GLY B 199 10.65 -3.28 2.56
CA GLY B 199 10.12 -4.03 3.69
C GLY B 199 11.09 -4.98 4.34
N TRP B 200 12.39 -4.70 4.23
CA TRP B 200 13.38 -5.56 4.87
C TRP B 200 13.35 -5.37 6.38
N SER B 201 13.72 -6.43 7.11
CA SER B 201 13.91 -6.31 8.55
C SER B 201 15.10 -5.40 8.87
N ALA B 202 15.16 -4.97 10.13
CA ALA B 202 16.29 -4.19 10.61
C ALA B 202 17.59 -5.00 10.55
N GLN B 203 17.51 -6.30 10.84
CA GLN B 203 18.69 -7.16 10.83
C GLN B 203 19.29 -7.27 9.43
N GLU B 204 18.43 -7.51 8.43
CA GLU B 204 18.93 -7.71 7.06
C GLU B 204 19.43 -6.40 6.47
N THR B 205 18.72 -5.31 6.75
CA THR B 205 19.19 -3.99 6.37
C THR B 205 20.54 -3.70 7.01
N ALA B 206 20.68 -4.00 8.31
CA ALA B 206 21.95 -3.76 8.99
C ALA B 206 23.07 -4.56 8.34
N ASP B 207 22.82 -5.83 8.08
CA ASP B 207 23.82 -6.69 7.42
C ASP B 207 24.15 -6.22 6.01
N ALA B 208 23.16 -5.68 5.30
CA ALA B 208 23.41 -5.29 3.92
C ALA B 208 24.20 -3.99 3.84
N LEU B 209 23.99 -3.12 4.82
CA LEU B 209 24.58 -1.78 4.86
C LEU B 209 25.76 -1.67 5.82
N ASP B 210 26.20 -2.79 6.39
CA ASP B 210 27.34 -2.79 7.29
C ASP B 210 27.14 -1.83 8.46
N MET B 211 25.92 -1.80 8.98
CA MET B 211 25.64 -1.06 10.20
C MET B 211 25.08 -2.03 11.25
N THR B 212 24.86 -1.48 12.44
CA THR B 212 24.21 -2.19 13.51
C THR B 212 22.71 -1.94 13.42
N VAL B 213 21.96 -2.81 14.10
CA VAL B 213 20.52 -2.64 14.16
C VAL B 213 20.16 -1.28 14.77
N ALA B 214 20.88 -0.85 15.80
CA ALA B 214 20.56 0.43 16.41
C ALA B 214 20.85 1.59 15.47
N SER B 215 21.94 1.52 14.69
CA SER B 215 22.20 2.57 13.72
C SER B 215 21.08 2.64 12.69
N VAL B 216 20.62 1.47 12.22
CA VAL B 216 19.55 1.42 11.23
C VAL B 216 18.30 2.09 11.77
N LYS B 217 17.90 1.73 13.01
CA LYS B 217 16.72 2.35 13.62
C LYS B 217 16.87 3.86 13.76
N SER B 218 18.00 4.30 14.29
CA SER B 218 18.26 5.73 14.35
C SER B 218 18.20 6.36 12.96
N ALA B 219 18.89 5.74 12.00
CA ALA B 219 18.94 6.27 10.64
C ALA B 219 17.55 6.31 10.01
N LEU B 220 16.75 5.25 10.22
CA LEU B 220 15.39 5.23 9.69
C LEU B 220 14.55 6.32 10.32
N GLN B 221 14.58 6.44 11.65
CA GLN B 221 13.79 7.44 12.35
C GLN B 221 14.11 8.84 11.86
N ARG B 222 15.40 9.14 11.67
CA ARG B 222 15.75 10.47 11.16
C ARG B 222 15.25 10.64 9.72
N ALA B 223 15.36 9.57 8.90
CA ALA B 223 14.89 9.67 7.52
C ALA B 223 13.41 10.01 7.46
N ARG B 224 12.61 9.36 8.30
CA ARG B 224 11.17 9.60 8.29
C ARG B 224 10.84 11.00 8.78
N THR B 225 11.61 11.50 9.76
CA THR B 225 11.38 12.84 10.29
C THR B 225 11.66 13.89 9.22
N THR B 226 12.75 13.75 8.47
CA THR B 226 12.99 14.67 7.35
C THR B 226 11.86 14.62 6.33
N LEU B 227 11.36 13.43 6.01
CA LEU B 227 10.30 13.31 5.00
C LEU B 227 9.03 14.04 5.44
N ARG B 228 8.64 13.89 6.70
CA ARG B 228 7.60 14.78 7.24
C ARG B 228 8.17 16.20 7.36
N GLY B 229 7.34 17.20 7.09
CA GLY B 229 7.78 18.57 7.17
C GLY B 229 8.63 19.06 6.03
N ARG B 230 9.19 18.17 5.21
CA ARG B 230 9.73 18.55 3.90
C ARG B 230 8.84 18.14 2.76
N LEU B 231 8.13 17.02 2.87
CA LEU B 231 7.18 16.51 1.90
C LEU B 231 5.77 16.81 2.37
N PRO B 232 4.92 17.43 1.55
CA PRO B 232 3.53 17.64 1.97
C PRO B 232 2.81 16.33 2.24
N GLU B 233 2.01 16.31 3.31
CA GLU B 233 1.19 15.14 3.61
C GLU B 233 0.04 15.07 2.62
N ARG B 234 0.00 14.01 1.82
CA ARG B 234 -0.93 13.90 0.70
C ARG B 234 -1.98 12.84 0.98
N ARG B 235 -3.07 12.90 0.21
CA ARG B 235 -4.18 11.97 0.38
C ARG B 235 -3.72 10.52 0.18
N SER B 236 -4.51 9.58 0.71
CA SER B 236 -4.09 8.18 0.81
C SER B 236 -3.96 7.50 -0.56
N GLU B 237 -4.97 7.61 -1.42
CA GLU B 237 -4.80 7.00 -2.74
C GLU B 237 -3.98 7.88 -3.68
N TRP B 238 -3.95 9.19 -3.43
CA TRP B 238 -2.97 10.05 -4.09
C TRP B 238 -1.62 9.36 -4.06
N GLY B 239 -1.17 8.94 -2.88
CA GLY B 239 0.04 8.15 -2.80
C GLY B 239 -0.07 6.79 -3.45
N ALA B 240 -1.29 6.24 -3.50
CA ALA B 240 -1.49 4.91 -4.05
C ALA B 240 -1.72 4.93 -5.55
N ALA B 241 -1.77 6.11 -6.17
CA ALA B 241 -2.05 6.19 -7.59
C ALA B 241 -0.99 5.47 -8.41
N THR B 242 -1.46 4.71 -9.42
CA THR B 242 -0.60 4.01 -10.36
C THR B 242 -0.71 4.61 -11.76
N GLU B 243 -1.40 5.72 -11.87
CA GLU B 243 -1.56 6.49 -13.09
C GLU B 243 -2.21 7.80 -12.69
N PRO B 244 -2.23 8.80 -13.57
CA PRO B 244 -3.01 10.00 -13.28
C PRO B 244 -4.49 9.68 -13.14
N SER B 245 -5.14 10.37 -12.21
CA SER B 245 -6.57 10.25 -12.05
C SER B 245 -7.28 10.97 -13.20
N ALA B 246 -8.56 10.61 -13.40
CA ALA B 246 -9.38 11.32 -14.38
C ALA B 246 -9.33 12.83 -14.15
N ALA B 247 -9.35 13.26 -12.89
CA ALA B 247 -9.33 14.69 -12.58
C ALA B 247 -8.01 15.32 -13.00
N GLU B 248 -6.91 14.59 -12.83
CA GLU B 248 -5.60 15.12 -13.20
C GLU B 248 -5.42 15.14 -14.72
N ARG B 249 -5.86 14.07 -15.40
CA ARG B 249 -5.84 14.05 -16.85
C ARG B 249 -6.68 15.18 -17.44
N SER B 250 -7.79 15.51 -16.78
CA SER B 250 -8.63 16.60 -17.23
C SER B 250 -7.91 17.94 -17.05
N LEU B 251 -7.29 18.14 -15.89
CA LEU B 251 -6.47 19.33 -15.68
C LEU B 251 -5.34 19.39 -16.71
N LEU B 252 -4.70 18.25 -16.96
CA LEU B 252 -3.61 18.21 -17.94
C LEU B 252 -4.07 18.70 -19.30
N ARG B 253 -5.30 18.37 -19.69
CA ARG B 253 -5.80 18.84 -20.97
C ARG B 253 -6.03 20.35 -20.95
N ARG B 254 -6.50 20.88 -19.84
CA ARG B 254 -6.66 22.33 -19.75
C ARG B 254 -5.31 23.03 -19.75
N TYR B 255 -4.30 22.39 -19.15
CA TYR B 255 -2.94 22.93 -19.16
C TYR B 255 -2.37 22.94 -20.58
N MET B 256 -2.56 21.83 -21.30
CA MET B 256 -2.08 21.73 -22.67
C MET B 256 -2.78 22.72 -23.58
N ALA B 257 -4.09 22.91 -23.37
CA ALA B 257 -4.83 23.85 -24.20
C ALA B 257 -4.32 25.28 -24.02
N ALA B 258 -3.87 25.63 -22.82
CA ALA B 258 -3.45 27.01 -22.56
C ALA B 258 -2.31 27.42 -23.48
N SER B 259 -1.40 26.50 -23.78
CA SER B 259 -0.37 26.78 -24.76
C SER B 259 -0.97 26.85 -26.16
N ARG B 260 -1.71 25.81 -26.55
CA ARG B 260 -2.28 25.75 -27.90
C ARG B 260 -3.15 26.95 -28.20
N ASP B 261 -3.91 27.41 -27.21
CA ASP B 261 -4.79 28.56 -27.40
C ASP B 261 -4.08 29.88 -27.16
N ALA B 262 -2.83 29.84 -26.71
CA ALA B 262 -2.07 31.04 -26.33
C ALA B 262 -2.84 31.90 -25.33
N ASP B 263 -3.34 31.26 -24.27
CA ASP B 263 -4.22 31.91 -23.31
C ASP B 263 -3.59 31.83 -21.92
N LEU B 264 -2.90 32.90 -21.53
CA LEU B 264 -2.35 32.96 -20.19
C LEU B 264 -3.44 33.05 -19.14
N SER B 265 -4.55 33.72 -19.45
CA SER B 265 -5.69 33.70 -18.54
C SER B 265 -6.03 32.28 -18.15
N ALA B 266 -6.12 31.38 -19.13
CA ALA B 266 -6.45 29.99 -18.83
C ALA B 266 -5.39 29.35 -17.94
N LEU B 267 -4.11 29.54 -18.27
CA LEU B 267 -3.07 28.95 -17.47
C LEU B 267 -3.10 29.48 -16.03
N ALA B 268 -3.38 30.77 -15.87
CA ALA B 268 -3.35 31.38 -14.55
C ALA B 268 -4.44 30.79 -13.65
N LEU B 269 -5.61 30.49 -14.22
CA LEU B 269 -6.69 29.87 -13.45
C LEU B 269 -6.29 28.52 -12.87
N LEU B 270 -5.32 27.82 -13.46
CA LEU B 270 -4.92 26.50 -12.99
C LEU B 270 -3.84 26.55 -11.94
N LEU B 271 -3.16 27.67 -11.78
CA LEU B 271 -2.03 27.75 -10.87
C LEU B 271 -2.51 28.18 -9.49
N ARG B 272 -1.99 27.51 -8.47
CA ARG B 272 -2.10 28.02 -7.10
C ARG B 272 -1.32 29.32 -6.99
N GLU B 273 -1.73 30.16 -6.02
CA GLU B 273 -1.05 31.43 -5.82
C GLU B 273 0.44 31.22 -5.57
N ASP B 274 0.79 30.19 -4.80
CA ASP B 274 2.16 29.86 -4.45
C ASP B 274 2.75 28.76 -5.33
N ALA B 275 2.18 28.54 -6.52
CA ALA B 275 2.71 27.53 -7.43
C ALA B 275 4.16 27.85 -7.80
N ARG B 276 4.93 26.78 -8.05
CA ARG B 276 6.34 26.89 -8.39
C ARG B 276 6.61 26.11 -9.66
N GLN B 277 7.41 26.70 -10.54
CA GLN B 277 7.94 25.98 -11.70
C GLN B 277 9.45 25.90 -11.57
N ALA B 278 9.98 24.69 -11.48
CA ALA B 278 11.41 24.46 -11.40
C ALA B 278 11.91 23.72 -12.64
N MET B 279 13.10 24.11 -13.11
CA MET B 279 13.89 23.38 -14.10
C MET B 279 15.14 22.81 -13.46
N PRO B 280 15.04 21.67 -12.78
CA PRO B 280 16.17 21.16 -11.99
C PRO B 280 17.48 21.09 -12.77
N PRO B 281 17.50 20.54 -14.01
CA PRO B 281 18.79 20.49 -14.72
C PRO B 281 19.45 21.84 -14.96
N HIS B 282 18.68 22.93 -14.99
CA HIS B 282 19.24 24.25 -15.26
C HIS B 282 19.28 25.12 -14.00
N ARG B 283 18.93 24.54 -12.85
CA ARG B 283 18.91 25.21 -11.56
C ARG B 283 18.20 26.57 -11.67
N LEU B 284 16.98 26.53 -12.18
CA LEU B 284 16.08 27.68 -12.19
C LEU B 284 14.80 27.36 -11.44
N VAL B 285 14.28 28.35 -10.69
CA VAL B 285 12.99 28.23 -10.04
C VAL B 285 12.21 29.51 -10.29
N PHE B 286 10.94 29.36 -10.60
CA PHE B 286 10.02 30.49 -10.75
C PHE B 286 8.97 30.34 -9.65
N ASP B 287 9.05 31.21 -8.65
CA ASP B 287 8.37 31.05 -7.36
C ASP B 287 7.15 31.94 -7.29
N GLY B 288 5.97 31.33 -7.34
CA GLY B 288 4.77 32.13 -7.26
C GLY B 288 4.07 32.21 -8.61
N ARG B 289 2.73 32.23 -8.57
CA ARG B 289 1.98 32.33 -9.82
C ARG B 289 2.44 33.52 -10.65
N ASP B 290 2.75 34.64 -9.99
CA ASP B 290 3.20 35.82 -10.72
C ASP B 290 4.43 35.52 -11.56
N ALA B 291 5.43 34.87 -10.97
CA ALA B 291 6.69 34.64 -11.68
C ALA B 291 6.51 33.68 -12.84
N ILE B 292 5.69 32.64 -12.65
CA ILE B 292 5.40 31.70 -13.73
C ILE B 292 4.76 32.43 -14.89
N LEU B 293 3.77 33.29 -14.59
CA LEU B 293 3.11 34.02 -15.67
C LEU B 293 4.06 35.01 -16.32
N ASP B 294 5.00 35.59 -15.55
CA ASP B 294 6.03 36.44 -16.13
C ASP B 294 6.89 35.65 -17.11
N LEU B 295 7.20 34.39 -16.77
CA LEU B 295 7.99 33.56 -17.66
C LEU B 295 7.24 33.26 -18.95
N TRP B 296 5.99 32.79 -18.85
CA TRP B 296 5.27 32.33 -20.03
C TRP B 296 4.78 33.47 -20.92
N ARG B 297 4.51 34.64 -20.33
CA ARG B 297 3.83 35.71 -21.07
C ARG B 297 4.54 36.09 -22.36
N PRO B 298 5.85 36.40 -22.37
CA PRO B 298 6.52 36.74 -23.64
C PRO B 298 6.58 35.57 -24.60
N VAL B 299 6.43 34.35 -24.09
CA VAL B 299 6.53 33.17 -24.93
C VAL B 299 5.27 33.00 -25.76
N LEU B 300 4.11 33.29 -25.18
CA LEU B 300 2.82 33.05 -25.80
C LEU B 300 2.13 34.31 -26.33
N GLU B 301 2.61 35.50 -25.96
CA GLU B 301 1.94 36.74 -26.30
C GLU B 301 2.93 37.70 -26.93
N GLY B 302 2.41 38.67 -27.68
CA GLY B 302 3.20 39.81 -28.14
C GLY B 302 4.11 39.49 -29.32
N ASP B 303 5.06 40.41 -29.54
CA ASP B 303 5.99 40.31 -30.66
C ASP B 303 7.09 39.29 -30.43
N THR B 304 7.29 38.85 -29.20
CA THR B 304 8.28 37.83 -28.91
C THR B 304 7.72 36.42 -28.98
N ALA B 305 6.44 36.26 -29.33
CA ALA B 305 5.79 34.96 -29.21
C ALA B 305 6.45 33.93 -30.12
N TRP B 306 6.65 32.72 -29.60
CA TRP B 306 7.47 31.74 -30.32
C TRP B 306 6.76 31.19 -31.54
N GLY B 307 5.48 30.96 -31.45
CA GLY B 307 4.74 30.40 -32.57
C GLY B 307 3.51 29.65 -32.08
N GLU B 308 3.32 28.47 -32.65
CA GLU B 308 2.15 27.64 -32.41
C GLU B 308 2.54 26.39 -31.63
N TRP B 309 1.67 25.97 -30.72
CA TRP B 309 1.99 24.89 -29.78
C TRP B 309 1.06 23.70 -29.95
N ARG B 310 1.64 22.50 -29.81
CA ARG B 310 0.91 21.26 -29.57
C ARG B 310 1.62 20.51 -28.46
N SER B 311 0.89 19.62 -27.78
CA SER B 311 1.42 18.90 -26.62
C SER B 311 0.90 17.47 -26.60
N VAL B 312 1.73 16.57 -26.09
CA VAL B 312 1.44 15.15 -26.00
C VAL B 312 1.50 14.75 -24.53
N PRO B 313 0.46 14.10 -23.99
CA PRO B 313 0.53 13.60 -22.61
C PRO B 313 1.58 12.51 -22.46
N TYR B 314 2.16 12.42 -21.27
CA TYR B 314 3.35 11.59 -21.12
C TYR B 314 3.55 11.21 -19.65
N ALA B 315 2.77 10.23 -19.18
CA ALA B 315 2.78 9.84 -17.77
C ALA B 315 4.18 9.43 -17.30
N VAL B 316 4.67 10.12 -16.27
CA VAL B 316 5.97 9.85 -15.68
C VAL B 316 5.84 9.90 -14.16
N ASN B 317 6.54 9.01 -13.48
CA ASN B 317 6.53 8.94 -12.01
C ASN B 317 5.11 8.94 -11.44
N ARG B 318 4.18 8.33 -12.17
CA ARG B 318 2.78 8.24 -11.77
C ARG B 318 2.12 9.61 -11.69
N GLN B 319 2.71 10.62 -12.36
CA GLN B 319 2.20 11.98 -12.34
C GLN B 319 1.74 12.41 -13.73
N PRO B 320 0.73 13.28 -13.81
CA PRO B 320 0.37 13.83 -15.12
C PRO B 320 1.50 14.70 -15.65
N ALA B 321 1.76 14.56 -16.96
CA ALA B 321 2.90 15.21 -17.59
C ALA B 321 2.60 15.36 -19.08
N ALA B 322 3.27 16.34 -19.69
CA ALA B 322 3.05 16.62 -21.11
C ALA B 322 4.32 17.18 -21.73
N VAL B 323 4.59 16.73 -22.96
CA VAL B 323 5.67 17.28 -23.76
C VAL B 323 5.09 18.36 -24.65
N SER B 324 5.61 19.58 -24.55
CA SER B 324 5.14 20.66 -25.40
C SER B 324 5.97 20.73 -26.68
N TYR B 325 5.33 21.16 -27.76
CA TYR B 325 5.98 21.30 -29.07
C TYR B 325 5.60 22.64 -29.67
N VAL B 326 6.59 23.40 -30.17
CA VAL B 326 6.34 24.68 -30.82
C VAL B 326 6.76 24.58 -32.28
N ARG B 327 5.98 25.20 -33.14
CA ARG B 327 6.33 25.39 -34.55
C ARG B 327 6.53 26.88 -34.76
N ARG B 328 7.74 27.27 -35.17
CA ARG B 328 8.05 28.69 -35.33
C ARG B 328 7.92 29.11 -36.80
N ALA B 329 8.22 30.38 -37.05
CA ALA B 329 8.14 30.95 -38.40
C ALA B 329 9.04 30.19 -39.36
N GLY B 330 8.47 29.78 -40.49
CA GLY B 330 9.19 29.07 -41.51
C GLY B 330 9.24 27.57 -41.33
N GLU B 331 8.78 27.05 -40.20
CA GLU B 331 9.00 25.66 -39.91
C GLU B 331 7.83 24.81 -40.38
N THR B 332 8.15 23.59 -40.80
CA THR B 332 7.11 22.66 -41.25
C THR B 332 6.45 21.96 -40.07
N LEU B 333 7.26 21.46 -39.14
CA LEU B 333 6.81 20.67 -38.00
C LEU B 333 6.94 21.45 -36.70
N PHE B 334 6.37 20.86 -35.65
CA PHE B 334 6.52 21.33 -34.28
C PHE B 334 7.73 20.62 -33.67
N THR B 335 8.52 21.35 -32.90
CA THR B 335 9.71 20.79 -32.25
C THR B 335 9.50 20.75 -30.75
N ALA B 336 10.02 19.70 -30.11
CA ALA B 336 9.78 19.49 -28.70
C ALA B 336 10.52 20.54 -27.86
N VAL B 337 9.80 21.14 -26.92
CA VAL B 337 10.35 22.18 -26.05
C VAL B 337 10.58 21.66 -24.64
N ASN B 338 9.51 21.32 -23.90
CA ASN B 338 9.63 20.98 -22.49
C ASN B 338 8.85 19.71 -22.14
N VAL B 339 9.38 18.97 -21.17
CA VAL B 339 8.65 17.91 -20.47
C VAL B 339 8.18 18.49 -19.15
N ASP B 340 6.91 18.88 -19.07
CA ASP B 340 6.36 19.42 -17.84
C ASP B 340 5.65 18.30 -17.09
N VAL B 341 6.03 18.11 -15.83
CA VAL B 341 5.41 17.20 -14.89
C VAL B 341 4.66 18.05 -13.87
N LEU B 342 3.40 17.72 -13.62
CA LEU B 342 2.54 18.54 -12.79
C LEU B 342 2.32 17.89 -11.43
N THR B 343 2.21 18.72 -10.40
CA THR B 343 1.78 18.32 -9.07
C THR B 343 0.47 19.03 -8.81
N VAL B 344 -0.63 18.26 -8.77
CA VAL B 344 -1.99 18.77 -8.67
C VAL B 344 -2.48 18.56 -7.24
N VAL B 345 -2.99 19.63 -6.61
CA VAL B 345 -3.66 19.54 -5.31
C VAL B 345 -5.06 20.11 -5.45
N ASP B 346 -6.07 19.28 -5.14
CA ASP B 346 -7.48 19.67 -5.14
C ASP B 346 -7.84 20.49 -6.37
N GLY B 347 -7.44 20.01 -7.54
CA GLY B 347 -7.85 20.59 -8.81
C GLY B 347 -7.04 21.76 -9.31
N LEU B 348 -5.89 22.05 -8.70
CA LEU B 348 -5.04 23.14 -9.15
C LEU B 348 -3.58 22.67 -9.16
N ILE B 349 -2.77 23.38 -9.95
CA ILE B 349 -1.36 23.02 -10.11
C ILE B 349 -0.58 23.63 -8.95
N ALA B 350 0.16 22.80 -8.22
CA ALA B 350 1.05 23.27 -7.17
C ALA B 350 2.50 23.37 -7.61
N GLU B 351 2.95 22.43 -8.43
CA GLU B 351 4.32 22.44 -8.93
C GLU B 351 4.31 21.96 -10.37
N ILE B 352 5.07 22.67 -11.20
CA ILE B 352 5.48 22.19 -12.50
C ILE B 352 6.97 21.90 -12.39
N THR B 353 7.35 20.64 -12.59
CA THR B 353 8.75 20.29 -12.77
C THR B 353 9.00 20.11 -14.26
N THR B 354 9.98 20.84 -14.79
CA THR B 354 10.17 21.01 -16.23
C THR B 354 11.54 20.45 -16.63
N PHE B 355 11.52 19.49 -17.55
CA PHE B 355 12.74 18.83 -18.01
C PHE B 355 13.00 19.17 -19.47
N ASP B 356 14.25 18.97 -19.85
CA ASP B 356 14.69 19.19 -21.21
C ASP B 356 14.56 17.86 -21.95
N PRO B 357 13.66 17.75 -22.94
CA PRO B 357 13.48 16.45 -23.61
C PRO B 357 14.73 15.97 -24.31
N GLY B 358 15.48 16.90 -24.91
CA GLY B 358 16.72 16.54 -25.59
C GLY B 358 17.76 15.90 -24.69
N LEU B 359 17.72 16.19 -23.39
CA LEU B 359 18.63 15.58 -22.43
C LEU B 359 18.09 14.25 -21.86
N LEU B 360 16.89 13.82 -22.27
CA LEU B 360 16.23 12.64 -21.73
C LEU B 360 16.03 11.58 -22.81
N PRO B 361 15.83 10.32 -22.43
CA PRO B 361 15.53 9.28 -23.42
C PRO B 361 14.08 9.30 -23.85
N GLY B 362 13.85 8.83 -25.08
CA GLY B 362 12.60 8.20 -25.47
C GLY B 362 11.47 9.10 -25.94
N ILE B 363 11.76 10.31 -26.40
CA ILE B 363 10.75 11.33 -26.68
C ILE B 363 10.85 11.73 -28.16
N ALA B 364 9.71 11.67 -28.85
CA ALA B 364 9.71 12.06 -30.26
C ALA B 364 10.18 13.51 -30.41
N PRO B 365 11.17 13.77 -31.26
CA PRO B 365 11.79 15.10 -31.31
C PRO B 365 10.91 16.13 -32.00
N THR B 366 10.06 15.66 -32.91
CA THR B 366 9.20 16.54 -33.69
C THR B 366 7.85 15.88 -33.85
N LEU B 367 6.94 16.63 -34.45
CA LEU B 367 5.54 16.23 -34.55
C LEU B 367 4.89 17.10 -35.62
N ALA B 368 3.95 16.52 -36.37
CA ALA B 368 3.27 17.25 -37.43
C ALA B 368 1.88 17.69 -36.98
N GLU B 369 1.38 18.77 -37.57
CA GLU B 369 0.07 19.29 -37.19
C GLU B 369 -1.01 18.26 -37.43
C1 GOL C . 2.23 -25.86 4.73
O1 GOL C . 3.45 -25.15 4.63
C2 GOL C . 1.72 -25.65 6.15
O2 GOL C . 2.36 -24.50 6.64
C3 GOL C . 0.20 -25.48 6.26
O3 GOL C . -0.41 -26.75 6.34
C1 GOL D . 3.21 -22.94 1.58
O1 GOL D . 3.58 -24.29 1.76
C2 GOL D . 1.86 -22.80 2.27
O2 GOL D . 2.02 -23.08 3.63
C3 GOL D . 1.23 -21.41 2.17
O3 GOL D . -0.03 -21.54 2.78
C1 GOL E . -26.32 6.26 34.94
O1 GOL E . -25.99 5.30 35.92
C2 GOL E . -27.80 6.15 34.63
O2 GOL E . -28.45 7.20 35.30
C3 GOL E . -28.16 6.27 33.15
O3 GOL E . -29.39 5.60 32.90
C1 GOL F . 31.20 -1.44 -1.71
O1 GOL F . 30.70 -2.55 -2.42
C2 GOL F . 30.29 -1.21 -0.51
O2 GOL F . 30.96 -1.62 0.65
C3 GOL F . 29.81 0.23 -0.34
O3 GOL F . 29.37 0.39 0.98
C1 GOL G . 7.65 5.54 1.26
O1 GOL G . 6.74 4.63 1.82
C2 GOL G . 8.36 6.32 2.39
O2 GOL G . 7.88 7.63 2.40
C3 GOL G . 8.12 5.69 3.78
O3 GOL G . 8.52 6.56 4.81
#